data_5DDG
#
_entry.id   5DDG
#
_cell.length_a   163.017
_cell.length_b   163.017
_cell.length_c   163.017
_cell.angle_alpha   90.000
_cell.angle_beta   90.000
_cell.angle_gamma   90.000
#
_symmetry.space_group_name_H-M   'P 2 3'
#
loop_
_entity.id
_entity.type
_entity.pdbx_description
1 polymer 'transcriptional factor AraR'
2 polymer 'DNA (27-MER)'
3 polymer 'DNA (27-MER)'
4 non-polymer 'MALONIC ACID'
5 non-polymer 'FORMIC ACID'
6 water water
#
loop_
_entity_poly.entity_id
_entity_poly.type
_entity_poly.pdbx_seq_one_letter_code
_entity_poly.pdbx_strand_id
1 'polypeptide(L)'
;SNA(MSE)KNYYSSNPTFYLGIDCIIFGFNEGEISLLLLKRNFEPA(MSE)GEWSL(MSE)GGFVQKDESVDDAAKRVLA
ELTGLENVY(MSE)EQVGAFGAIDRDPGERVVSIAYYALININEYDRELVQKHNAYWVNINELPALIFDHPE(MSE)VDK
ARE(MSE)(MSE)KQKASVEPIGFNLLPKLFTLSQLQSLYEAIYGEP(MSE)DKRNFRKRVAE(MSE)DFIEKTDKIDKL
GSKRGAALYKFNGKAYRKDPKFKL
;
A,B
2 'polydeoxyribonucleotide'
;(DG)(DC)(DA)(DA)(DA)(DA)(DG)(DT)(DG)(DT)(DT)(DA)(DC)(DT)(DT)(DT)(DT)(DA)(DC)(DA)
(DC)(DC)(DC)(DA)(DT)(DG)(DC)
;
C
3 'polydeoxyribonucleotide'
;(DG)(DC)(DA)(DT)(DG)(DG)(DG)(DT)(DG)(DT)(DA)(DA)(DA)(DA)(DG)(DT)(DA)(DA)(DC)(DA)
(DC)(DT)(DT)(DT)(DT)(DG)(DC)
;
D
#
loop_
_chem_comp.id
_chem_comp.type
_chem_comp.name
_chem_comp.formula
DA DNA linking 2'-DEOXYADENOSINE-5'-MONOPHOSPHATE 'C10 H14 N5 O6 P'
DC DNA linking 2'-DEOXYCYTIDINE-5'-MONOPHOSPHATE 'C9 H14 N3 O7 P'
DG DNA linking 2'-DEOXYGUANOSINE-5'-MONOPHOSPHATE 'C10 H14 N5 O7 P'
DT DNA linking THYMIDINE-5'-MONOPHOSPHATE 'C10 H15 N2 O8 P'
FMT non-polymer 'FORMIC ACID' 'C H2 O2'
MLA non-polymer 'MALONIC ACID' 'C3 H4 O4'
#
# COMPACT_ATOMS: atom_id res chain seq x y z
N ALA A 3 -11.00 29.47 -2.01
CA ALA A 3 -11.07 28.94 -3.40
C ALA A 3 -12.37 29.38 -4.06
N MSE A 4 -12.53 29.05 -5.34
CA MSE A 4 -13.72 29.44 -6.11
C MSE A 4 -14.60 28.25 -6.28
O MSE A 4 -14.25 27.15 -5.88
CB MSE A 4 -13.24 29.89 -7.48
CG MSE A 4 -14.04 31.06 -8.03
SE MSE A 4 -13.59 32.68 -6.98
CE MSE A 4 -11.71 32.40 -6.39
N LYS A 5 -15.77 28.45 -6.88
CA LYS A 5 -16.51 27.34 -7.49
C LYS A 5 -15.62 26.76 -8.60
N ASN A 6 -14.94 27.65 -9.33
CA ASN A 6 -14.09 27.30 -10.48
C ASN A 6 -12.76 26.58 -10.24
N TYR A 7 -12.18 26.68 -9.04
CA TYR A 7 -10.98 25.93 -8.69
C TYR A 7 -11.29 24.45 -8.86
N TYR A 8 -12.47 24.04 -8.40
CA TYR A 8 -12.88 22.67 -8.57
C TYR A 8 -13.49 22.45 -9.95
N SER A 9 -14.54 23.19 -10.30
CA SER A 9 -15.38 22.83 -11.46
C SER A 9 -14.67 22.86 -12.83
N SER A 10 -13.59 23.63 -12.94
CA SER A 10 -12.74 23.54 -14.12
C SER A 10 -12.25 22.10 -14.39
N ASN A 11 -12.15 21.28 -13.33
CA ASN A 11 -11.70 19.88 -13.46
C ASN A 11 -12.85 18.90 -13.66
N PRO A 12 -12.57 17.75 -14.29
CA PRO A 12 -13.59 16.75 -14.51
C PRO A 12 -13.84 15.89 -13.28
N THR A 13 -14.94 15.15 -13.32
CA THR A 13 -15.32 14.26 -12.24
C THR A 13 -15.48 12.84 -12.76
N PHE A 14 -15.22 11.87 -11.88
CA PHE A 14 -15.16 10.45 -12.26
C PHE A 14 -16.05 9.61 -11.38
N TYR A 15 -16.39 8.44 -11.88
CA TYR A 15 -17.03 7.43 -11.09
C TYR A 15 -15.99 6.79 -10.21
N LEU A 16 -16.32 6.58 -8.94
CA LEU A 16 -15.41 5.88 -8.06
C LEU A 16 -15.98 4.54 -7.72
N GLY A 17 -15.31 3.51 -8.20
CA GLY A 17 -15.74 2.15 -7.98
C GLY A 17 -15.05 1.58 -6.77
N ILE A 18 -15.70 0.57 -6.18
CA ILE A 18 -15.14 -0.20 -5.09
C ILE A 18 -15.08 -1.64 -5.52
N ASP A 19 -14.03 -2.35 -5.12
CA ASP A 19 -13.88 -3.75 -5.47
C ASP A 19 -13.28 -4.54 -4.33
N CYS A 20 -13.88 -5.68 -4.00
CA CYS A 20 -13.53 -6.41 -2.80
C CYS A 20 -12.95 -7.75 -3.11
N ILE A 21 -11.72 -7.93 -2.65
CA ILE A 21 -11.10 -9.23 -2.62
C ILE A 21 -11.42 -9.77 -1.26
N ILE A 22 -12.21 -10.84 -1.21
CA ILE A 22 -12.67 -11.38 0.06
C ILE A 22 -12.06 -12.74 0.33
N PHE A 23 -11.16 -12.82 1.29
CA PHE A 23 -10.54 -14.10 1.63
C PHE A 23 -11.34 -14.93 2.65
N GLY A 24 -11.31 -16.24 2.43
CA GLY A 24 -11.82 -17.22 3.38
C GLY A 24 -10.86 -18.38 3.47
N PHE A 25 -10.94 -19.14 4.57
CA PHE A 25 -10.10 -20.33 4.71
C PHE A 25 -10.92 -21.56 5.14
N ASN A 26 -10.77 -22.63 4.36
CA ASN A 26 -11.44 -23.90 4.67
C ASN A 26 -10.67 -25.14 4.27
N GLU A 27 -10.55 -26.05 5.23
CA GLU A 27 -9.95 -27.35 5.00
C GLU A 27 -8.67 -27.15 4.23
N GLY A 28 -7.79 -26.38 4.83
CA GLY A 28 -6.43 -26.26 4.35
C GLY A 28 -6.22 -25.39 3.13
N GLU A 29 -7.28 -24.82 2.57
CA GLU A 29 -7.11 -23.97 1.40
C GLU A 29 -7.85 -22.65 1.45
N ILE A 30 -7.21 -21.65 0.85
CA ILE A 30 -7.73 -20.29 0.83
C ILE A 30 -8.59 -20.10 -0.39
N SER A 31 -9.66 -19.33 -0.22
CA SER A 31 -10.61 -19.10 -1.28
C SER A 31 -11.07 -17.66 -1.33
N LEU A 32 -11.44 -17.22 -2.52
CA LEU A 32 -12.07 -15.93 -2.66
C LEU A 32 -13.55 -16.08 -2.91
N LEU A 33 -14.29 -15.10 -2.42
CA LEU A 33 -15.69 -15.00 -2.72
C LEU A 33 -15.81 -14.07 -3.90
N LEU A 34 -16.38 -14.63 -4.98
CA LEU A 34 -16.49 -13.98 -6.30
C LEU A 34 -17.90 -14.03 -6.85
N LEU A 35 -18.24 -13.07 -7.71
CA LEU A 35 -19.51 -13.11 -8.43
C LEU A 35 -19.38 -13.81 -9.76
N LYS A 36 -20.36 -14.64 -10.07
CA LYS A 36 -20.66 -14.98 -11.42
C LYS A 36 -21.69 -13.96 -11.83
N ARG A 37 -21.31 -12.99 -12.64
CA ARG A 37 -22.06 -11.74 -12.74
C ARG A 37 -23.45 -11.91 -13.32
N ASN A 38 -24.47 -11.53 -12.54
CA ASN A 38 -25.84 -11.60 -13.00
C ASN A 38 -26.18 -10.48 -13.98
N PHE A 39 -25.46 -9.36 -13.91
CA PHE A 39 -25.77 -8.21 -14.75
C PHE A 39 -24.60 -7.74 -15.58
N GLU A 40 -24.92 -6.98 -16.63
CA GLU A 40 -23.88 -6.40 -17.47
C GLU A 40 -23.27 -5.25 -16.67
N PRO A 41 -22.05 -4.84 -17.03
CA PRO A 41 -21.21 -5.37 -18.07
C PRO A 41 -20.66 -6.72 -17.72
N ALA A 42 -20.19 -7.43 -18.73
CA ALA A 42 -19.55 -8.72 -18.54
C ALA A 42 -20.47 -9.72 -17.86
N MSE A 43 -21.76 -9.68 -18.21
CA MSE A 43 -22.72 -10.60 -17.61
C MSE A 43 -22.26 -11.98 -17.96
O MSE A 43 -21.78 -12.25 -19.08
CB MSE A 43 -24.12 -10.29 -18.14
CG MSE A 43 -25.23 -10.98 -17.37
SE MSE A 43 -26.89 -10.89 -18.43
CE MSE A 43 -27.38 -9.08 -17.87
N GLY A 44 -22.33 -12.88 -16.99
CA GLY A 44 -21.96 -14.26 -17.22
C GLY A 44 -20.53 -14.55 -16.89
N GLU A 45 -19.73 -13.51 -16.67
CA GLU A 45 -18.32 -13.71 -16.37
C GLU A 45 -18.05 -13.53 -14.91
N TRP A 46 -16.89 -14.01 -14.48
CA TRP A 46 -16.52 -13.95 -13.08
C TRP A 46 -15.84 -12.63 -12.71
N SER A 47 -16.12 -12.17 -11.51
CA SER A 47 -15.48 -10.96 -11.03
C SER A 47 -15.54 -10.86 -9.54
N LEU A 48 -14.89 -9.82 -9.02
CA LEU A 48 -14.91 -9.47 -7.62
C LEU A 48 -16.24 -8.81 -7.30
N MSE A 49 -16.54 -8.69 -6.02
CA MSE A 49 -17.75 -7.95 -5.63
C MSE A 49 -17.38 -6.51 -5.73
O MSE A 49 -16.28 -6.13 -5.37
CB MSE A 49 -18.11 -8.26 -4.18
CG MSE A 49 -19.22 -7.38 -3.62
SE MSE A 49 -20.93 -7.75 -4.53
CE MSE A 49 -21.86 -6.21 -3.72
N GLY A 50 -18.31 -5.69 -6.21
CA GLY A 50 -18.01 -4.29 -6.39
C GLY A 50 -19.18 -3.36 -6.17
N GLY A 51 -18.90 -2.07 -6.28
CA GLY A 51 -19.92 -1.03 -6.14
C GLY A 51 -19.34 0.33 -6.50
N PHE A 52 -20.01 1.39 -6.05
CA PHE A 52 -19.59 2.75 -6.33
C PHE A 52 -19.71 3.60 -5.09
N VAL A 53 -18.71 4.44 -4.82
CA VAL A 53 -18.82 5.36 -3.71
C VAL A 53 -20.01 6.27 -3.96
N GLN A 54 -20.76 6.56 -2.89
CA GLN A 54 -21.88 7.49 -2.94
C GLN A 54 -21.54 8.80 -2.23
N LYS A 55 -22.41 9.80 -2.42
CA LYS A 55 -22.14 11.17 -1.99
C LYS A 55 -21.92 11.26 -0.50
N ASP A 56 -22.70 10.45 0.21
CA ASP A 56 -22.88 10.55 1.65
C ASP A 56 -21.94 9.68 2.47
N GLU A 57 -20.85 9.19 1.86
CA GLU A 57 -20.02 8.21 2.54
C GLU A 57 -18.60 8.42 2.19
N SER A 58 -17.72 8.06 3.11
CA SER A 58 -16.31 8.02 2.80
C SER A 58 -16.04 6.83 1.92
N VAL A 59 -14.81 6.73 1.44
CA VAL A 59 -14.47 5.65 0.55
C VAL A 59 -14.45 4.38 1.38
N ASP A 60 -13.88 4.47 2.58
CA ASP A 60 -13.79 3.32 3.47
C ASP A 60 -15.18 2.81 3.81
N ASP A 61 -16.05 3.72 4.24
CA ASP A 61 -17.44 3.38 4.43
C ASP A 61 -17.99 2.62 3.22
N ALA A 62 -17.72 3.14 2.03
CA ALA A 62 -18.27 2.52 0.83
C ALA A 62 -17.85 1.06 0.78
N ALA A 63 -16.58 0.82 1.10
CA ALA A 63 -16.04 -0.53 1.09
C ALA A 63 -16.80 -1.40 2.08
N LYS A 64 -16.83 -0.97 3.33
CA LYS A 64 -17.58 -1.65 4.38
C LYS A 64 -19.01 -1.99 3.94
N ARG A 65 -19.65 -1.07 3.21
CA ARG A 65 -21.04 -1.26 2.83
C ARG A 65 -21.14 -2.41 1.86
N VAL A 66 -20.32 -2.33 0.83
CA VAL A 66 -20.30 -3.34 -0.22
C VAL A 66 -20.10 -4.73 0.36
N LEU A 67 -19.14 -4.85 1.25
CA LEU A 67 -18.85 -6.12 1.88
C LEU A 67 -20.07 -6.61 2.65
N ALA A 68 -20.73 -5.68 3.31
CA ALA A 68 -21.91 -5.99 4.08
C ALA A 68 -23.07 -6.41 3.19
N GLU A 69 -23.27 -5.73 2.08
CA GLU A 69 -24.35 -6.05 1.13
C GLU A 69 -24.34 -7.52 0.69
N LEU A 70 -23.14 -8.09 0.60
CA LEU A 70 -22.97 -9.41 0.05
C LEU A 70 -22.96 -10.50 1.13
N THR A 71 -22.33 -10.17 2.25
CA THR A 71 -22.03 -11.14 3.30
C THR A 71 -22.83 -10.94 4.57
N GLY A 72 -23.50 -9.81 4.68
CA GLY A 72 -24.20 -9.46 5.90
C GLY A 72 -23.26 -9.05 7.01
N LEU A 73 -21.95 -9.04 6.78
CA LEU A 73 -20.98 -8.79 7.86
C LEU A 73 -20.57 -7.34 8.05
N GLU A 74 -20.56 -6.93 9.31
CA GLU A 74 -20.01 -5.64 9.69
C GLU A 74 -18.79 -5.90 10.56
N ASN A 75 -18.10 -4.82 10.90
CA ASN A 75 -16.82 -4.92 11.64
C ASN A 75 -15.85 -5.93 11.07
N VAL A 76 -15.64 -5.89 9.77
CA VAL A 76 -14.73 -6.82 9.13
C VAL A 76 -13.34 -6.22 9.04
N TYR A 77 -12.33 -7.07 9.14
CA TYR A 77 -10.97 -6.64 8.89
C TYR A 77 -10.85 -6.29 7.43
N MSE A 78 -10.50 -5.03 7.14
CA MSE A 78 -10.31 -4.57 5.74
C MSE A 78 -9.10 -3.72 5.52
O MSE A 78 -8.78 -2.89 6.35
CB MSE A 78 -11.48 -3.70 5.37
CG MSE A 78 -12.72 -4.56 5.34
SE MSE A 78 -14.08 -3.45 4.50
CE MSE A 78 -14.32 -4.48 2.83
N GLU A 79 -8.44 -3.90 4.38
CA GLU A 79 -7.28 -3.09 3.98
C GLU A 79 -7.50 -2.55 2.60
N GLN A 80 -7.06 -1.31 2.35
CA GLN A 80 -7.11 -0.75 1.00
C GLN A 80 -5.92 -1.26 0.21
N VAL A 81 -6.19 -1.77 -0.99
CA VAL A 81 -5.14 -2.32 -1.82
C VAL A 81 -4.54 -1.24 -2.68
N GLY A 82 -5.39 -0.43 -3.30
CA GLY A 82 -4.91 0.67 -4.11
C GLY A 82 -5.97 1.24 -5.02
N ALA A 83 -5.67 2.39 -5.61
CA ALA A 83 -6.54 2.98 -6.62
C ALA A 83 -6.12 2.50 -8.00
N PHE A 84 -7.07 1.97 -8.73
CA PHE A 84 -6.81 1.49 -10.07
C PHE A 84 -7.49 2.43 -11.00
N GLY A 85 -6.70 3.14 -11.78
CA GLY A 85 -7.25 4.21 -12.62
C GLY A 85 -6.58 4.36 -13.96
N ALA A 86 -6.28 3.23 -14.59
CA ALA A 86 -5.93 3.24 -16.00
C ALA A 86 -7.17 3.70 -16.70
N ILE A 87 -7.00 4.13 -17.94
CA ILE A 87 -8.09 4.84 -18.62
C ILE A 87 -9.12 3.86 -19.05
N ASP A 88 -8.68 2.83 -19.76
CA ASP A 88 -9.58 1.88 -20.37
C ASP A 88 -9.69 0.62 -19.54
N ARG A 89 -9.59 0.76 -18.22
CA ARG A 89 -9.72 -0.41 -17.35
C ARG A 89 -11.13 -0.95 -17.39
N ASP A 90 -12.11 -0.04 -17.47
CA ASP A 90 -13.50 -0.44 -17.65
C ASP A 90 -13.97 0.03 -19.02
N PRO A 91 -14.14 -0.90 -19.98
CA PRO A 91 -14.50 -0.63 -21.37
C PRO A 91 -15.69 0.30 -21.56
N GLY A 92 -16.72 0.12 -20.76
CA GLY A 92 -17.94 0.92 -20.92
C GLY A 92 -17.78 2.39 -20.58
N GLU A 93 -16.90 2.71 -19.63
CA GLU A 93 -16.88 4.03 -19.00
C GLU A 93 -15.66 4.25 -18.15
N ARG A 94 -15.33 5.52 -17.89
CA ARG A 94 -14.20 5.78 -17.02
C ARG A 94 -14.64 5.59 -15.57
N VAL A 95 -14.04 4.58 -14.95
CA VAL A 95 -14.20 4.31 -13.54
C VAL A 95 -12.82 4.16 -12.95
N VAL A 96 -12.54 4.95 -11.93
CA VAL A 96 -11.35 4.71 -11.13
C VAL A 96 -11.84 3.91 -9.95
N SER A 97 -11.23 2.75 -9.71
CA SER A 97 -11.70 1.85 -8.67
C SER A 97 -10.71 1.69 -7.56
N ILE A 98 -11.19 1.89 -6.33
CA ILE A 98 -10.38 1.60 -5.19
C ILE A 98 -10.69 0.19 -4.76
N ALA A 99 -9.65 -0.61 -4.55
CA ALA A 99 -9.81 -1.98 -4.14
C ALA A 99 -9.42 -2.13 -2.69
N TYR A 100 -10.15 -2.99 -2.01
CA TYR A 100 -9.85 -3.38 -0.65
C TYR A 100 -9.79 -4.88 -0.55
N TYR A 101 -9.06 -5.39 0.45
CA TYR A 101 -9.22 -6.78 0.81
C TYR A 101 -9.82 -6.97 2.18
N ALA A 102 -10.36 -8.17 2.39
CA ALA A 102 -11.09 -8.51 3.57
C ALA A 102 -10.78 -9.92 4.02
N LEU A 103 -10.59 -10.11 5.32
CA LEU A 103 -10.47 -11.44 5.87
C LEU A 103 -11.74 -11.80 6.61
N ILE A 104 -12.35 -12.92 6.26
CA ILE A 104 -13.52 -13.39 6.97
C ILE A 104 -13.57 -14.88 7.26
N ASN A 105 -14.45 -15.19 8.22
CA ASN A 105 -14.73 -16.53 8.59
C ASN A 105 -15.65 -17.12 7.55
N ILE A 106 -15.11 -18.02 6.75
CA ILE A 106 -15.92 -18.63 5.72
C ILE A 106 -17.12 -19.37 6.29
N ASN A 107 -17.14 -19.69 7.58
CA ASN A 107 -18.31 -20.34 8.15
C ASN A 107 -19.40 -19.37 8.62
N GLU A 108 -19.13 -18.08 8.68
CA GLU A 108 -20.07 -17.19 9.34
C GLU A 108 -20.45 -16.03 8.46
N TYR A 109 -21.22 -16.32 7.43
CA TYR A 109 -21.71 -15.29 6.54
C TYR A 109 -23.11 -15.61 6.16
N ASP A 110 -23.74 -14.72 5.39
CA ASP A 110 -25.17 -14.78 5.18
C ASP A 110 -25.54 -15.46 3.85
N ARG A 111 -25.78 -16.76 3.88
CA ARG A 111 -25.97 -17.53 2.65
C ARG A 111 -27.03 -16.90 1.77
N GLU A 112 -27.99 -16.18 2.33
CA GLU A 112 -29.10 -15.73 1.52
C GLU A 112 -28.67 -14.57 0.67
N LEU A 113 -27.92 -13.64 1.25
CA LEU A 113 -27.34 -12.56 0.47
C LEU A 113 -26.32 -13.05 -0.55
N VAL A 114 -25.40 -13.92 -0.16
CA VAL A 114 -24.48 -14.47 -1.14
C VAL A 114 -25.25 -15.01 -2.35
N GLN A 115 -26.33 -15.73 -2.09
CA GLN A 115 -27.06 -16.34 -3.17
C GLN A 115 -27.75 -15.33 -4.03
N LYS A 116 -28.18 -14.21 -3.43
CA LYS A 116 -28.88 -13.15 -4.18
C LYS A 116 -27.95 -12.45 -5.15
N HIS A 117 -26.67 -12.35 -4.80
CA HIS A 117 -25.65 -11.80 -5.70
C HIS A 117 -24.97 -12.88 -6.56
N ASN A 118 -25.49 -14.09 -6.52
CA ASN A 118 -24.95 -15.18 -7.31
C ASN A 118 -23.44 -15.34 -7.15
N ALA A 119 -23.01 -15.33 -5.90
CA ALA A 119 -21.60 -15.45 -5.58
C ALA A 119 -21.22 -16.85 -5.11
N TYR A 120 -19.93 -17.16 -5.23
CA TYR A 120 -19.43 -18.51 -4.98
C TYR A 120 -18.01 -18.44 -4.46
N TRP A 121 -17.67 -19.32 -3.54
CA TRP A 121 -16.30 -19.37 -3.02
C TRP A 121 -15.47 -20.16 -3.99
N VAL A 122 -14.30 -19.64 -4.37
CA VAL A 122 -13.43 -20.32 -5.32
C VAL A 122 -12.02 -20.42 -4.77
N ASN A 123 -11.43 -21.60 -4.90
CA ASN A 123 -10.09 -21.82 -4.39
C ASN A 123 -9.15 -20.87 -5.09
N ILE A 124 -8.25 -20.26 -4.34
CA ILE A 124 -7.48 -19.16 -4.88
C ILE A 124 -6.44 -19.61 -5.88
N ASN A 125 -6.02 -20.86 -5.80
CA ASN A 125 -5.15 -21.43 -6.84
C ASN A 125 -5.86 -22.02 -8.03
N GLU A 126 -7.16 -21.78 -8.14
CA GLU A 126 -7.93 -22.33 -9.23
C GLU A 126 -8.97 -21.30 -9.65
N LEU A 127 -8.52 -20.06 -9.76
CA LEU A 127 -9.43 -18.95 -10.08
C LEU A 127 -9.76 -18.94 -11.54
N PRO A 128 -11.00 -18.55 -11.87
CA PRO A 128 -11.36 -18.34 -13.24
C PRO A 128 -10.79 -17.03 -13.71
N ALA A 129 -10.93 -16.76 -15.00
CA ALA A 129 -10.50 -15.49 -15.54
C ALA A 129 -11.42 -14.40 -15.07
N LEU A 130 -10.88 -13.42 -14.35
CA LEU A 130 -11.71 -12.33 -13.88
C LEU A 130 -11.70 -11.20 -14.88
N ILE A 131 -12.79 -10.46 -14.91
CA ILE A 131 -12.92 -9.34 -15.81
C ILE A 131 -11.91 -8.24 -15.55
N PHE A 132 -11.77 -7.39 -16.56
CA PHE A 132 -11.13 -6.09 -16.40
C PHE A 132 -9.75 -6.26 -15.76
N ASP A 133 -9.42 -5.41 -14.78
CA ASP A 133 -8.15 -5.48 -14.08
C ASP A 133 -8.25 -6.23 -12.76
N HIS A 134 -9.28 -7.05 -12.60
CA HIS A 134 -9.47 -7.72 -11.32
C HIS A 134 -8.31 -8.65 -10.96
N PRO A 135 -7.75 -9.35 -11.94
CA PRO A 135 -6.60 -10.19 -11.63
C PRO A 135 -5.40 -9.41 -11.14
N GLU A 136 -5.20 -8.21 -11.67
CA GLU A 136 -4.12 -7.34 -11.19
C GLU A 136 -4.43 -7.06 -9.74
N MSE A 137 -5.65 -6.61 -9.48
CA MSE A 137 -6.08 -6.34 -8.10
C MSE A 137 -5.90 -7.55 -7.19
O MSE A 137 -5.47 -7.42 -6.05
CB MSE A 137 -7.56 -5.97 -8.08
CG MSE A 137 -7.80 -4.58 -8.63
SE MSE A 137 -9.73 -4.37 -8.85
CE MSE A 137 -9.86 -2.45 -9.23
N VAL A 138 -6.26 -8.72 -7.68
CA VAL A 138 -6.11 -9.88 -6.86
C VAL A 138 -4.65 -10.17 -6.59
N ASP A 139 -3.80 -10.04 -7.60
CA ASP A 139 -2.39 -10.27 -7.37
C ASP A 139 -1.86 -9.36 -6.30
N LYS A 140 -2.14 -8.07 -6.40
CA LYS A 140 -1.63 -7.17 -5.41
C LYS A 140 -2.20 -7.48 -4.02
N ALA A 141 -3.49 -7.76 -3.95
CA ALA A 141 -4.09 -8.09 -2.68
C ALA A 141 -3.38 -9.26 -2.00
N ARG A 142 -3.05 -10.27 -2.77
CA ARG A 142 -2.42 -11.46 -2.21
C ARG A 142 -1.05 -11.12 -1.69
N GLU A 143 -0.35 -10.28 -2.44
CA GLU A 143 0.99 -9.89 -2.10
C GLU A 143 1.01 -9.14 -0.78
N MSE A 144 0.06 -8.23 -0.63
CA MSE A 144 -0.03 -7.42 0.55
C MSE A 144 -0.43 -8.22 1.72
O MSE A 144 0.20 -8.15 2.77
CB MSE A 144 -1.07 -6.33 0.37
CG MSE A 144 -0.50 -5.32 -0.63
SE MSE A 144 -1.70 -3.78 -0.79
CE MSE A 144 -2.26 -3.51 1.09
N MSE A 145 -1.46 -9.02 1.54
CA MSE A 145 -2.02 -9.82 2.64
C MSE A 145 -0.99 -10.78 3.14
O MSE A 145 -0.87 -10.99 4.34
CB MSE A 145 -3.28 -10.54 2.20
CG MSE A 145 -4.04 -11.15 3.38
SE MSE A 145 -3.34 -12.95 3.75
CE MSE A 145 -4.67 -13.99 2.75
N LYS A 146 -0.22 -11.38 2.24
CA LYS A 146 0.85 -12.24 2.64
C LYS A 146 1.88 -11.51 3.50
N GLN A 147 2.31 -10.32 3.08
CA GLN A 147 3.27 -9.56 3.90
C GLN A 147 2.68 -9.23 5.25
N LYS A 148 1.57 -8.52 5.26
CA LYS A 148 0.88 -8.14 6.49
C LYS A 148 0.78 -9.29 7.50
N ALA A 149 0.48 -10.49 7.01
CA ALA A 149 0.14 -11.61 7.87
C ALA A 149 1.36 -12.27 8.51
N SER A 150 2.53 -11.94 7.98
CA SER A 150 3.81 -12.38 8.54
C SER A 150 4.29 -11.53 9.69
N VAL A 151 3.63 -10.40 9.90
CA VAL A 151 4.10 -9.42 10.85
C VAL A 151 2.98 -8.87 11.74
N GLU A 152 1.75 -9.28 11.47
CA GLU A 152 0.61 -8.95 12.30
C GLU A 152 -0.38 -10.10 12.30
N PRO A 153 -1.11 -10.24 13.40
CA PRO A 153 -2.01 -11.36 13.57
C PRO A 153 -3.35 -11.22 12.82
N ILE A 154 -3.33 -11.03 11.51
CA ILE A 154 -4.59 -10.85 10.80
C ILE A 154 -5.22 -12.21 10.49
N GLY A 155 -4.36 -13.23 10.44
CA GLY A 155 -4.79 -14.57 10.09
C GLY A 155 -5.99 -15.03 10.90
N PHE A 156 -6.06 -14.64 12.16
CA PHE A 156 -7.07 -15.19 13.03
C PHE A 156 -8.49 -14.83 12.61
N ASN A 157 -8.63 -13.79 11.78
CA ASN A 157 -9.93 -13.46 11.21
C ASN A 157 -10.43 -14.54 10.23
N LEU A 158 -9.50 -15.28 9.63
CA LEU A 158 -9.83 -16.35 8.70
C LEU A 158 -10.24 -17.64 9.40
N LEU A 159 -9.93 -17.75 10.70
CA LEU A 159 -10.26 -18.92 11.53
C LEU A 159 -11.41 -18.64 12.47
N PRO A 160 -12.04 -19.71 12.97
CA PRO A 160 -13.05 -19.53 14.02
C PRO A 160 -12.38 -19.17 15.34
N LYS A 161 -13.17 -18.87 16.37
CA LYS A 161 -12.58 -18.44 17.63
C LYS A 161 -11.65 -19.49 18.19
N LEU A 162 -12.09 -20.75 18.20
CA LEU A 162 -11.26 -21.82 18.73
C LEU A 162 -10.71 -22.60 17.58
N PHE A 163 -9.44 -22.95 17.65
CA PHE A 163 -8.77 -23.61 16.54
C PHE A 163 -7.59 -24.41 17.05
N THR A 164 -7.14 -25.36 16.25
CA THR A 164 -6.05 -26.22 16.65
C THR A 164 -4.81 -25.67 16.05
N LEU A 165 -3.65 -26.07 16.56
CA LEU A 165 -2.38 -25.56 16.06
C LEU A 165 -2.05 -26.22 14.74
N SER A 166 -2.87 -27.13 14.26
CA SER A 166 -2.60 -27.70 12.94
C SER A 166 -3.39 -26.97 11.91
N GLN A 167 -4.59 -26.57 12.30
CA GLN A 167 -5.36 -25.63 11.51
C GLN A 167 -4.51 -24.40 11.29
N LEU A 168 -4.00 -23.82 12.38
CA LEU A 168 -3.25 -22.59 12.29
C LEU A 168 -2.07 -22.80 11.40
N GLN A 169 -1.35 -23.89 11.62
CA GLN A 169 -0.25 -24.18 10.73
C GLN A 169 -0.73 -24.29 9.26
N SER A 170 -1.88 -24.91 9.07
CA SER A 170 -2.40 -25.11 7.73
C SER A 170 -2.66 -23.76 7.05
N LEU A 171 -3.29 -22.87 7.81
CA LEU A 171 -3.54 -21.53 7.34
C LEU A 171 -2.25 -20.93 6.84
N TYR A 172 -1.23 -20.93 7.70
CA TYR A 172 0.00 -20.27 7.33
C TYR A 172 0.66 -20.95 6.16
N GLU A 173 0.61 -22.28 6.13
CA GLU A 173 1.14 -23.01 4.97
C GLU A 173 0.39 -22.59 3.71
N ALA A 174 -0.89 -22.28 3.82
CA ALA A 174 -1.66 -21.82 2.67
C ALA A 174 -1.23 -20.41 2.26
N ILE A 175 -1.21 -19.50 3.23
CA ILE A 175 -0.88 -18.10 2.95
C ILE A 175 0.47 -17.98 2.24
N TYR A 176 1.49 -18.65 2.79
CA TYR A 176 2.82 -18.58 2.20
C TYR A 176 3.00 -19.56 1.07
N GLY A 177 2.10 -20.53 0.96
CA GLY A 177 2.13 -21.47 -0.16
C GLY A 177 3.32 -22.40 -0.12
N GLU A 178 3.67 -22.84 1.08
CA GLU A 178 4.79 -23.73 1.29
C GLU A 178 4.67 -24.40 2.67
N PRO A 179 5.20 -25.61 2.78
CA PRO A 179 5.07 -26.36 4.02
C PRO A 179 6.02 -25.80 5.03
N MSE A 180 5.74 -26.02 6.30
CA MSE A 180 6.69 -25.61 7.30
C MSE A 180 6.72 -26.61 8.42
O MSE A 180 5.82 -27.42 8.58
CB MSE A 180 6.35 -24.23 7.77
CG MSE A 180 4.91 -24.08 8.22
SE MSE A 180 4.57 -22.14 8.42
CE MSE A 180 4.69 -21.72 6.50
N ASP A 181 7.80 -26.54 9.19
CA ASP A 181 8.05 -27.54 10.19
C ASP A 181 7.09 -27.41 11.37
N LYS A 182 6.54 -28.54 11.79
CA LYS A 182 5.60 -28.55 12.88
C LYS A 182 6.25 -28.12 14.18
N ARG A 183 7.45 -28.63 14.42
CA ARG A 183 8.07 -28.42 15.72
C ARG A 183 8.47 -26.97 15.90
N ASN A 184 9.10 -26.42 14.85
CA ASN A 184 9.49 -25.03 14.82
C ASN A 184 8.27 -24.11 14.92
N PHE A 185 7.26 -24.40 14.10
CA PHE A 185 6.05 -23.62 14.09
C PHE A 185 5.42 -23.53 15.47
N ARG A 186 5.43 -24.63 16.21
CA ARG A 186 4.74 -24.66 17.49
C ARG A 186 5.59 -23.99 18.56
N LYS A 187 6.90 -23.92 18.32
CA LYS A 187 7.83 -23.18 19.19
C LYS A 187 7.45 -21.72 19.16
N ARG A 188 7.41 -21.17 17.95
CA ARG A 188 7.02 -19.76 17.77
C ARG A 188 5.72 -19.47 18.51
N VAL A 189 4.73 -20.33 18.35
CA VAL A 189 3.41 -20.08 18.90
C VAL A 189 3.41 -20.17 20.42
N ALA A 190 4.37 -20.93 20.95
CA ALA A 190 4.55 -21.08 22.39
C ALA A 190 4.84 -19.72 23.02
N GLU A 191 5.62 -18.92 22.31
CA GLU A 191 6.12 -17.64 22.78
C GLU A 191 5.07 -16.56 22.65
N MSE A 192 4.04 -16.81 21.86
CA MSE A 192 2.98 -15.84 21.73
C MSE A 192 1.96 -16.11 22.79
O MSE A 192 1.11 -16.98 22.65
CB MSE A 192 2.43 -15.83 20.33
CG MSE A 192 3.46 -15.07 19.49
SE MSE A 192 3.04 -15.18 17.57
CE MSE A 192 4.76 -15.98 17.02
N ASP A 193 2.04 -15.32 23.86
CA ASP A 193 1.17 -15.53 25.01
C ASP A 193 -0.26 -15.13 24.70
N PHE A 194 -0.45 -14.31 23.68
CA PHE A 194 -1.81 -13.88 23.27
C PHE A 194 -2.53 -14.96 22.45
N ILE A 195 -1.78 -15.98 22.03
CA ILE A 195 -2.35 -17.21 21.51
C ILE A 195 -2.51 -18.19 22.67
N GLU A 196 -3.73 -18.31 23.19
CA GLU A 196 -3.97 -19.04 24.44
C GLU A 196 -4.55 -20.41 24.25
N LYS A 197 -4.02 -21.37 25.00
CA LYS A 197 -4.59 -22.72 25.07
C LYS A 197 -5.84 -22.71 25.94
N THR A 198 -6.96 -23.19 25.42
CA THR A 198 -8.13 -23.42 26.26
C THR A 198 -8.10 -24.86 26.73
N ASP A 199 -8.93 -25.13 27.74
CA ASP A 199 -9.14 -26.48 28.24
C ASP A 199 -9.95 -27.32 27.24
N LYS A 200 -10.65 -26.68 26.31
CA LYS A 200 -11.45 -27.37 25.29
C LYS A 200 -10.60 -28.23 24.36
N ILE A 201 -11.25 -29.22 23.74
CA ILE A 201 -10.59 -30.20 22.85
C ILE A 201 -11.42 -30.49 21.60
N ASP A 202 -10.77 -30.67 20.46
CA ASP A 202 -11.45 -30.97 19.21
C ASP A 202 -11.28 -32.45 18.98
N LYS A 203 -12.37 -33.08 18.55
CA LYS A 203 -12.46 -34.50 18.24
C LYS A 203 -12.81 -34.70 16.78
N LEU A 204 -13.70 -33.84 16.28
CA LEU A 204 -14.09 -33.79 14.86
C LEU A 204 -12.91 -33.92 13.87
N GLY A 205 -11.74 -33.40 14.25
CA GLY A 205 -10.60 -33.31 13.35
C GLY A 205 -9.56 -34.43 13.39
N SER A 206 -9.57 -35.26 14.44
CA SER A 206 -8.54 -36.30 14.59
C SER A 206 -8.89 -37.45 15.54
N LYS A 207 -8.08 -38.50 15.48
CA LYS A 207 -8.21 -39.65 16.37
C LYS A 207 -7.90 -39.24 17.82
N ARG A 208 -6.65 -38.86 18.09
CA ARG A 208 -6.22 -38.47 19.45
C ARG A 208 -7.00 -37.27 19.95
N GLY A 209 -7.19 -36.27 19.09
CA GLY A 209 -7.87 -35.03 19.50
C GLY A 209 -6.87 -34.00 20.02
N ALA A 210 -6.91 -32.80 19.45
CA ALA A 210 -5.95 -31.76 19.75
C ALA A 210 -6.60 -30.67 20.59
N ALA A 211 -5.78 -29.92 21.31
CA ALA A 211 -6.28 -28.88 22.19
C ALA A 211 -6.68 -27.64 21.38
N LEU A 212 -7.79 -27.03 21.76
CA LEU A 212 -8.22 -25.81 21.12
C LEU A 212 -7.55 -24.59 21.72
N TYR A 213 -7.10 -23.71 20.83
CA TYR A 213 -6.50 -22.42 21.19
C TYR A 213 -7.39 -21.26 20.80
N LYS A 214 -6.98 -20.07 21.21
CA LYS A 214 -7.78 -18.87 21.12
C LYS A 214 -6.86 -17.69 20.91
N PHE A 215 -7.31 -16.69 20.17
CA PHE A 215 -6.56 -15.44 20.05
C PHE A 215 -7.09 -14.44 21.04
N ASN A 216 -6.25 -14.00 21.96
CA ASN A 216 -6.65 -12.94 22.87
C ASN A 216 -6.07 -11.61 22.41
N GLY A 217 -6.94 -10.77 21.87
CA GLY A 217 -6.52 -9.48 21.30
C GLY A 217 -6.06 -8.51 22.36
N LYS A 218 -6.85 -8.40 23.43
CA LYS A 218 -6.48 -7.61 24.59
C LYS A 218 -5.04 -7.93 24.95
N ALA A 219 -4.79 -9.20 25.22
CA ALA A 219 -3.45 -9.69 25.49
C ALA A 219 -2.42 -9.29 24.40
N TYR A 220 -2.81 -9.28 23.12
CA TYR A 220 -1.88 -8.93 22.03
C TYR A 220 -1.52 -7.45 22.05
N ARG A 221 -2.54 -6.61 22.14
CA ARG A 221 -2.33 -5.17 22.18
C ARG A 221 -1.60 -4.70 23.45
N LYS A 222 -1.35 -5.60 24.40
CA LYS A 222 -0.47 -5.28 25.54
C LYS A 222 0.98 -5.27 25.16
N ASP A 223 1.43 -6.24 24.37
CA ASP A 223 2.67 -6.02 23.60
C ASP A 223 2.59 -6.74 22.25
N PRO A 224 2.27 -5.98 21.20
CA PRO A 224 2.14 -6.43 19.83
C PRO A 224 3.39 -7.04 19.21
N LYS A 225 3.81 -8.20 19.70
CA LYS A 225 4.90 -8.93 19.08
C LYS A 225 4.28 -10.05 18.29
N PHE A 226 4.64 -10.17 17.01
CA PHE A 226 4.15 -11.25 16.20
C PHE A 226 5.09 -11.58 15.06
N LYS A 227 5.44 -12.85 14.93
CA LYS A 227 6.17 -13.31 13.77
C LYS A 227 6.05 -14.83 13.60
N LEU A 228 5.51 -15.28 12.46
CA LEU A 228 5.68 -16.69 12.03
C LEU A 228 5.49 -16.87 10.53
N ASN B 6 -25.43 3.10 -20.12
CA ASN B 6 -26.05 3.92 -19.03
C ASN B 6 -26.36 3.07 -17.80
N TYR B 7 -25.43 2.15 -17.48
CA TYR B 7 -25.53 1.28 -16.28
C TYR B 7 -25.01 2.00 -15.02
N TYR B 8 -23.84 2.60 -15.15
CA TYR B 8 -23.23 3.37 -14.09
C TYR B 8 -23.87 4.76 -13.98
N SER B 9 -24.95 5.00 -14.71
CA SER B 9 -25.58 6.33 -14.80
C SER B 9 -26.08 6.84 -13.46
N SER B 10 -26.62 5.93 -12.67
CA SER B 10 -27.27 6.26 -11.41
C SER B 10 -26.31 6.58 -10.27
N ASN B 11 -25.01 6.55 -10.52
CA ASN B 11 -24.01 6.78 -9.47
C ASN B 11 -23.39 8.16 -9.60
N PRO B 12 -23.03 8.78 -8.48
CA PRO B 12 -22.38 10.10 -8.55
C PRO B 12 -20.92 10.04 -9.01
N THR B 13 -20.39 11.23 -9.32
CA THR B 13 -19.01 11.38 -9.79
C THR B 13 -18.27 12.36 -8.91
N PHE B 14 -16.95 12.20 -8.80
CA PHE B 14 -16.17 12.92 -7.80
C PHE B 14 -14.94 13.55 -8.38
N TYR B 15 -14.42 14.56 -7.71
CA TYR B 15 -13.15 15.10 -8.10
C TYR B 15 -12.04 14.17 -7.63
N LEU B 16 -11.18 13.74 -8.54
CA LEU B 16 -10.02 12.99 -8.13
C LEU B 16 -8.88 13.92 -8.01
N GLY B 17 -8.41 14.13 -6.79
CA GLY B 17 -7.19 14.90 -6.56
C GLY B 17 -5.96 14.03 -6.62
N ILE B 18 -4.80 14.68 -6.59
CA ILE B 18 -3.50 14.01 -6.59
C ILE B 18 -2.61 14.79 -5.64
N ASP B 19 -1.78 14.09 -4.88
CA ASP B 19 -0.89 14.76 -3.94
C ASP B 19 0.44 14.03 -3.88
N CYS B 20 1.51 14.79 -3.72
CA CYS B 20 2.83 14.22 -3.87
C CYS B 20 3.73 14.49 -2.70
N ILE B 21 4.15 13.41 -2.08
CA ILE B 21 5.16 13.45 -1.07
C ILE B 21 6.49 13.26 -1.82
N ILE B 22 7.30 14.32 -1.87
CA ILE B 22 8.50 14.28 -2.66
C ILE B 22 9.70 14.24 -1.76
N PHE B 23 10.32 13.08 -1.67
CA PHE B 23 11.49 12.95 -0.81
C PHE B 23 12.73 13.44 -1.53
N GLY B 24 13.61 14.08 -0.78
CA GLY B 24 14.93 14.42 -1.25
C GLY B 24 15.91 14.22 -0.11
N PHE B 25 17.21 14.25 -0.42
CA PHE B 25 18.22 14.03 0.61
C PHE B 25 19.39 14.98 0.44
N ASN B 26 19.73 15.70 1.49
CA ASN B 26 20.93 16.53 1.48
C ASN B 26 21.60 16.70 2.82
N GLU B 27 22.93 16.61 2.81
CA GLU B 27 23.74 16.81 4.01
C GLU B 27 23.21 15.93 5.12
N GLY B 28 23.15 14.63 4.86
CA GLY B 28 22.74 13.67 5.88
C GLY B 28 21.30 13.70 6.33
N GLU B 29 20.48 14.55 5.72
CA GLU B 29 19.13 14.74 6.19
C GLU B 29 18.13 14.66 5.06
N ILE B 30 17.00 14.03 5.33
CA ILE B 30 15.96 13.89 4.35
C ILE B 30 14.97 15.06 4.44
N SER B 31 14.63 15.63 3.29
CA SER B 31 13.67 16.71 3.23
C SER B 31 12.49 16.37 2.33
N LEU B 32 11.40 17.08 2.52
CA LEU B 32 10.27 17.00 1.65
C LEU B 32 10.13 18.32 0.96
N LEU B 33 9.95 18.29 -0.35
CA LEU B 33 9.62 19.48 -1.09
C LEU B 33 8.14 19.78 -0.87
N LEU B 34 7.85 20.95 -0.35
CA LEU B 34 6.50 21.34 0.01
C LEU B 34 6.15 22.68 -0.58
N LEU B 35 4.84 22.92 -0.71
CA LEU B 35 4.35 24.20 -1.14
C LEU B 35 4.02 25.07 0.06
N LYS B 36 4.37 26.35 -0.03
CA LYS B 36 3.84 27.36 0.87
C LYS B 36 2.81 28.10 0.02
N ARG B 37 1.57 27.64 0.09
CA ARG B 37 0.56 27.99 -0.91
C ARG B 37 0.47 29.47 -1.22
N ASN B 38 0.62 29.84 -2.47
CA ASN B 38 0.34 31.21 -2.89
C ASN B 38 -0.97 31.32 -3.65
N PHE B 39 -1.92 30.45 -3.30
CA PHE B 39 -3.24 30.48 -3.92
C PHE B 39 -4.25 29.85 -3.00
N GLU B 40 -5.51 30.15 -3.28
CA GLU B 40 -6.60 29.72 -2.45
C GLU B 40 -7.02 28.37 -3.03
N PRO B 41 -7.55 27.47 -2.18
CA PRO B 41 -7.81 27.55 -0.75
C PRO B 41 -6.56 27.50 0.11
N ALA B 42 -6.68 27.93 1.36
CA ALA B 42 -5.61 27.79 2.33
C ALA B 42 -4.36 28.49 1.87
N MSE B 43 -4.53 29.64 1.26
CA MSE B 43 -3.38 30.45 0.87
C MSE B 43 -2.56 30.78 2.06
O MSE B 43 -3.08 31.00 3.14
CB MSE B 43 -3.83 31.73 0.21
CG MSE B 43 -2.66 32.40 -0.47
SE MSE B 43 -3.33 34.08 -1.23
CE MSE B 43 -4.51 33.42 -2.66
N GLY B 44 -1.25 30.82 1.87
CA GLY B 44 -0.35 31.11 2.95
C GLY B 44 0.08 29.86 3.71
N GLU B 45 -0.73 28.80 3.66
CA GLU B 45 -0.44 27.61 4.45
C GLU B 45 0.37 26.55 3.70
N TRP B 46 1.12 25.76 4.45
CA TRP B 46 1.96 24.74 3.88
C TRP B 46 1.19 23.49 3.45
N SER B 47 1.52 22.96 2.29
CA SER B 47 0.88 21.75 1.78
C SER B 47 1.77 20.96 0.83
N LEU B 48 1.21 19.87 0.33
CA LEU B 48 1.86 19.01 -0.63
C LEU B 48 1.54 19.56 -2.00
N MSE B 49 2.37 19.17 -2.96
CA MSE B 49 2.12 19.51 -4.34
C MSE B 49 0.99 18.67 -4.81
O MSE B 49 1.00 17.47 -4.59
CB MSE B 49 3.39 19.25 -5.14
CG MSE B 49 3.18 19.45 -6.63
SE MSE B 49 2.67 21.29 -7.12
CE MSE B 49 1.66 20.85 -8.75
N GLY B 50 0.00 19.27 -5.44
CA GLY B 50 -1.15 18.50 -5.86
C GLY B 50 -1.75 18.95 -7.18
N GLY B 51 -2.81 18.26 -7.59
CA GLY B 51 -3.53 18.58 -8.80
C GLY B 51 -4.81 17.76 -8.89
N PHE B 52 -5.30 17.54 -10.10
CA PHE B 52 -6.57 16.83 -10.32
C PHE B 52 -6.48 15.98 -11.54
N VAL B 53 -6.86 14.72 -11.43
CA VAL B 53 -6.87 13.85 -12.58
C VAL B 53 -7.78 14.46 -13.64
N GLN B 54 -7.37 14.25 -14.89
CA GLN B 54 -8.01 14.82 -16.07
C GLN B 54 -8.48 13.68 -16.97
N LYS B 55 -9.39 14.01 -17.89
CA LYS B 55 -10.10 13.00 -18.67
C LYS B 55 -9.19 12.16 -19.56
N ASP B 56 -8.14 12.78 -20.06
CA ASP B 56 -7.23 12.14 -20.98
C ASP B 56 -6.08 11.38 -20.31
N GLU B 57 -6.08 11.27 -18.99
CA GLU B 57 -4.95 10.64 -18.31
C GLU B 57 -5.34 9.60 -17.27
N SER B 58 -4.42 8.68 -17.06
CA SER B 58 -4.57 7.72 -16.01
C SER B 58 -4.18 8.41 -14.74
N VAL B 59 -4.54 7.78 -13.63
CA VAL B 59 -4.23 8.31 -12.33
C VAL B 59 -2.72 8.33 -12.22
N ASP B 60 -2.05 7.22 -12.53
CA ASP B 60 -0.60 7.23 -12.47
C ASP B 60 0.08 8.34 -13.29
N ASP B 61 -0.50 8.74 -14.42
CA ASP B 61 0.15 9.74 -15.29
C ASP B 61 -0.07 11.09 -14.68
N ALA B 62 -1.31 11.36 -14.30
CA ALA B 62 -1.65 12.57 -13.59
C ALA B 62 -0.64 12.83 -12.50
N ALA B 63 -0.23 11.78 -11.78
CA ALA B 63 0.78 11.93 -10.74
C ALA B 63 2.06 12.41 -11.36
N LYS B 64 2.53 11.68 -12.37
CA LYS B 64 3.73 12.09 -13.12
C LYS B 64 3.66 13.53 -13.60
N ARG B 65 2.49 13.95 -14.05
CA ARG B 65 2.33 15.28 -14.59
C ARG B 65 2.69 16.26 -13.51
N VAL B 66 1.85 16.24 -12.48
CA VAL B 66 2.00 17.06 -11.28
C VAL B 66 3.45 17.11 -10.85
N LEU B 67 4.05 15.94 -10.65
CA LEU B 67 5.42 15.92 -10.20
C LEU B 67 6.34 16.70 -11.15
N ALA B 68 6.08 16.60 -12.45
CA ALA B 68 6.89 17.26 -13.44
C ALA B 68 6.56 18.75 -13.56
N GLU B 69 5.30 19.12 -13.37
CA GLU B 69 4.92 20.53 -13.38
C GLU B 69 5.71 21.32 -12.34
N LEU B 70 6.06 20.66 -11.24
CA LEU B 70 6.72 21.34 -10.14
C LEU B 70 8.24 21.16 -10.20
N THR B 71 8.71 19.96 -10.52
CA THR B 71 10.14 19.70 -10.44
C THR B 71 10.85 19.77 -11.77
N GLY B 72 10.09 19.74 -12.86
CA GLY B 72 10.66 19.56 -14.19
C GLY B 72 11.07 18.14 -14.54
N LEU B 73 11.12 17.24 -13.56
CA LEU B 73 11.62 15.89 -13.79
C LEU B 73 10.56 14.98 -14.36
N GLU B 74 11.03 14.02 -15.15
CA GLU B 74 10.20 12.95 -15.65
C GLU B 74 10.95 11.67 -15.40
N ASN B 75 10.25 10.55 -15.57
CA ASN B 75 10.85 9.25 -15.31
C ASN B 75 11.38 9.18 -13.90
N VAL B 76 10.47 9.44 -12.96
CA VAL B 76 10.83 9.48 -11.56
C VAL B 76 10.26 8.28 -10.87
N TYR B 77 11.03 7.72 -9.95
CA TYR B 77 10.54 6.66 -9.10
C TYR B 77 9.34 7.16 -8.31
N MSE B 78 8.17 6.58 -8.54
CA MSE B 78 6.96 6.95 -7.80
C MSE B 78 6.22 5.72 -7.31
O MSE B 78 6.27 4.69 -7.94
CB MSE B 78 6.00 7.72 -8.68
CG MSE B 78 6.57 9.08 -9.04
SE MSE B 78 5.19 10.04 -10.08
CE MSE B 78 4.57 11.43 -8.81
N GLU B 79 5.58 5.86 -6.15
CA GLU B 79 4.76 4.79 -5.55
C GLU B 79 3.48 5.38 -5.07
N GLN B 80 2.39 4.65 -5.26
CA GLN B 80 1.10 5.08 -4.79
C GLN B 80 0.97 4.83 -3.30
N VAL B 81 0.59 5.86 -2.55
CA VAL B 81 0.45 5.74 -1.12
C VAL B 81 -0.96 5.30 -0.79
N GLY B 82 -1.94 5.90 -1.45
CA GLY B 82 -3.32 5.44 -1.31
C GLY B 82 -4.40 6.45 -1.65
N ALA B 83 -5.65 6.00 -1.62
CA ALA B 83 -6.79 6.85 -1.85
C ALA B 83 -7.30 7.33 -0.50
N PHE B 84 -7.46 8.64 -0.39
CA PHE B 84 -7.98 9.29 0.80
C PHE B 84 -9.29 9.92 0.44
N GLY B 85 -10.36 9.44 1.07
CA GLY B 85 -11.72 9.81 0.70
C GLY B 85 -12.65 10.01 1.87
N ALA B 86 -12.09 10.47 2.98
CA ALA B 86 -12.86 11.11 4.04
C ALA B 86 -13.79 12.15 3.41
N ILE B 87 -15.01 12.26 3.91
CA ILE B 87 -15.97 13.15 3.26
C ILE B 87 -15.59 14.63 3.35
N ASP B 88 -15.20 15.07 4.54
CA ASP B 88 -14.87 16.47 4.74
C ASP B 88 -13.37 16.71 4.66
N ARG B 89 -12.63 15.86 3.96
CA ARG B 89 -11.17 15.99 3.97
C ARG B 89 -10.70 17.30 3.33
N ASP B 90 -11.49 17.79 2.37
CA ASP B 90 -11.34 19.13 1.84
C ASP B 90 -12.59 19.87 2.22
N PRO B 91 -12.45 20.94 3.02
CA PRO B 91 -13.62 21.72 3.43
C PRO B 91 -14.40 22.29 2.25
N GLY B 92 -13.68 22.76 1.24
CA GLY B 92 -14.30 23.37 0.06
C GLY B 92 -15.28 22.53 -0.73
N GLU B 93 -14.95 21.26 -1.00
CA GLU B 93 -15.76 20.44 -1.91
C GLU B 93 -15.37 18.96 -1.76
N ARG B 94 -16.19 18.05 -2.26
CA ARG B 94 -15.83 16.64 -2.11
C ARG B 94 -14.70 16.27 -3.08
N VAL B 95 -13.53 16.02 -2.52
CA VAL B 95 -12.39 15.57 -3.29
C VAL B 95 -11.77 14.32 -2.71
N VAL B 96 -11.76 13.27 -3.51
CA VAL B 96 -11.03 12.05 -3.17
C VAL B 96 -9.65 12.16 -3.76
N SER B 97 -8.63 12.30 -2.94
CA SER B 97 -7.32 12.47 -3.49
C SER B 97 -6.52 11.21 -3.36
N ILE B 98 -5.80 10.91 -4.43
CA ILE B 98 -4.84 9.81 -4.44
C ILE B 98 -3.42 10.33 -4.21
N ALA B 99 -2.66 9.64 -3.37
CA ALA B 99 -1.37 10.16 -2.99
C ALA B 99 -0.29 9.27 -3.47
N TYR B 100 0.78 9.88 -3.95
CA TYR B 100 1.96 9.16 -4.37
C TYR B 100 3.17 9.73 -3.65
N TYR B 101 4.18 8.91 -3.45
CA TYR B 101 5.44 9.46 -3.06
C TYR B 101 6.42 9.31 -4.18
N ALA B 102 7.51 10.07 -4.08
CA ALA B 102 8.51 10.13 -5.13
C ALA B 102 9.87 10.32 -4.51
N LEU B 103 10.86 9.61 -5.02
CA LEU B 103 12.22 9.84 -4.58
C LEU B 103 12.93 10.56 -5.71
N ILE B 104 13.38 11.79 -5.46
CA ILE B 104 14.23 12.49 -6.41
C ILE B 104 15.60 12.86 -5.88
N ASN B 105 16.44 13.24 -6.83
CA ASN B 105 17.78 13.73 -6.54
C ASN B 105 17.68 15.23 -6.40
N ILE B 106 18.03 15.72 -5.23
CA ILE B 106 17.83 17.11 -4.90
C ILE B 106 18.65 18.08 -5.79
N ASN B 107 19.73 17.62 -6.36
CA ASN B 107 20.49 18.46 -7.29
C ASN B 107 19.80 18.68 -8.63
N GLU B 108 18.92 17.77 -9.03
CA GLU B 108 18.48 17.73 -10.43
C GLU B 108 17.19 18.45 -10.73
N TYR B 109 16.52 19.00 -9.73
CA TYR B 109 15.26 19.65 -10.03
C TYR B 109 15.43 21.06 -10.60
N ASP B 110 14.37 21.54 -11.25
CA ASP B 110 14.34 22.79 -11.98
C ASP B 110 13.82 23.90 -11.08
N ARG B 111 14.70 24.86 -10.75
CA ARG B 111 14.43 25.88 -9.73
C ARG B 111 13.38 26.88 -10.17
N GLU B 112 13.32 27.16 -11.45
CA GLU B 112 12.36 28.13 -11.97
C GLU B 112 10.96 27.68 -11.62
N LEU B 113 10.72 26.40 -11.81
CA LEU B 113 9.42 25.84 -11.63
C LEU B 113 9.11 25.74 -10.17
N VAL B 114 10.11 25.34 -9.39
CA VAL B 114 10.00 25.31 -7.93
C VAL B 114 9.76 26.72 -7.36
N GLN B 115 10.57 27.69 -7.77
CA GLN B 115 10.37 29.08 -7.36
C GLN B 115 8.93 29.50 -7.63
N LYS B 116 8.45 29.24 -8.84
CA LYS B 116 7.14 29.71 -9.25
C LYS B 116 5.99 29.10 -8.47
N HIS B 117 6.16 27.87 -7.99
CA HIS B 117 5.11 27.20 -7.22
C HIS B 117 5.21 27.57 -5.75
N ASN B 118 6.31 28.24 -5.44
CA ASN B 118 6.54 28.80 -4.12
C ASN B 118 6.78 27.69 -3.14
N ALA B 119 7.63 26.76 -3.57
CA ALA B 119 7.87 25.55 -2.84
C ALA B 119 9.27 25.56 -2.25
N TYR B 120 9.41 24.85 -1.12
CA TYR B 120 10.62 24.85 -0.32
C TYR B 120 10.93 23.46 0.23
N TRP B 121 12.20 23.08 0.16
CA TRP B 121 12.67 21.88 0.83
C TRP B 121 12.69 22.10 2.34
N VAL B 122 12.28 21.10 3.09
CA VAL B 122 12.06 21.26 4.52
C VAL B 122 12.39 19.95 5.20
N ASN B 123 13.36 19.99 6.12
CA ASN B 123 13.75 18.78 6.80
C ASN B 123 12.53 18.02 7.32
N ILE B 124 12.50 16.71 7.11
CA ILE B 124 11.30 15.93 7.35
C ILE B 124 10.89 15.82 8.83
N ASN B 125 11.83 16.06 9.74
CA ASN B 125 11.48 16.03 11.17
C ASN B 125 11.16 17.42 11.73
N GLU B 126 11.47 18.45 10.96
CA GLU B 126 11.15 19.84 11.27
C GLU B 126 9.99 20.33 10.38
N LEU B 127 8.93 19.54 10.25
CA LEU B 127 7.85 19.87 9.31
C LEU B 127 6.81 20.79 9.86
N PRO B 128 6.39 21.79 9.07
CA PRO B 128 5.23 22.57 9.49
C PRO B 128 3.96 21.73 9.56
N ALA B 129 2.89 22.36 10.02
CA ALA B 129 1.56 21.76 9.97
C ALA B 129 1.14 21.89 8.53
N LEU B 130 0.53 20.85 7.99
CA LEU B 130 0.10 20.86 6.61
C LEU B 130 -1.40 20.82 6.60
N ILE B 131 -1.97 21.32 5.51
CA ILE B 131 -3.41 21.45 5.39
C ILE B 131 -4.13 20.10 5.28
N PHE B 132 -5.44 20.16 5.37
CA PHE B 132 -6.31 19.00 5.13
C PHE B 132 -5.79 17.70 5.77
N ASP B 133 -5.69 16.61 5.02
CA ASP B 133 -5.22 15.34 5.57
C ASP B 133 -3.80 15.05 5.08
N HIS B 134 -3.04 16.09 4.85
CA HIS B 134 -1.71 15.90 4.32
C HIS B 134 -0.76 15.30 5.30
N PRO B 135 -0.95 15.58 6.61
CA PRO B 135 -0.01 14.96 7.54
C PRO B 135 -0.26 13.46 7.62
N GLU B 136 -1.52 13.07 7.60
CA GLU B 136 -1.89 11.67 7.55
C GLU B 136 -1.18 11.02 6.38
N MSE B 137 -1.20 11.68 5.22
CA MSE B 137 -0.60 11.17 3.97
C MSE B 137 0.88 11.05 4.09
O MSE B 137 1.45 10.02 3.74
CB MSE B 137 -0.85 12.09 2.79
CG MSE B 137 -2.22 11.87 2.15
SE MSE B 137 -2.61 13.38 0.92
CE MSE B 137 -4.50 13.09 0.44
N VAL B 138 1.54 12.10 4.55
CA VAL B 138 2.98 12.03 4.80
C VAL B 138 3.35 10.86 5.71
N ASP B 139 2.55 10.63 6.74
CA ASP B 139 2.89 9.58 7.69
C ASP B 139 2.87 8.27 6.99
N LYS B 140 1.75 7.97 6.36
CA LYS B 140 1.65 6.73 5.63
C LYS B 140 2.80 6.61 4.61
N ALA B 141 3.08 7.69 3.88
CA ALA B 141 4.15 7.69 2.90
C ALA B 141 5.48 7.26 3.47
N ARG B 142 5.86 7.87 4.59
CA ARG B 142 7.14 7.57 5.22
C ARG B 142 7.20 6.12 5.64
N GLU B 143 6.14 5.69 6.28
CA GLU B 143 6.02 4.31 6.74
C GLU B 143 6.38 3.40 5.58
N MSE B 144 5.77 3.67 4.43
CA MSE B 144 5.90 2.79 3.29
C MSE B 144 7.28 2.84 2.75
O MSE B 144 7.90 1.81 2.53
CB MSE B 144 4.93 3.19 2.21
CG MSE B 144 3.51 2.99 2.73
SE MSE B 144 2.14 3.14 1.32
CE MSE B 144 3.13 2.55 -0.31
N MSE B 145 7.76 4.05 2.53
CA MSE B 145 9.07 4.24 1.92
C MSE B 145 10.11 3.58 2.79
O MSE B 145 11.01 2.91 2.28
CB MSE B 145 9.30 5.73 1.76
CG MSE B 145 10.49 5.99 0.87
SE MSE B 145 12.17 5.98 1.93
CE MSE B 145 12.04 7.85 2.51
N LYS B 146 9.99 3.74 4.10
CA LYS B 146 10.95 3.18 5.05
C LYS B 146 11.02 1.68 4.86
N GLN B 147 9.83 1.10 4.77
CA GLN B 147 9.66 -0.33 4.58
C GLN B 147 10.31 -0.77 3.27
N LYS B 148 9.85 -0.22 2.17
CA LYS B 148 10.36 -0.64 0.88
C LYS B 148 11.87 -0.41 0.76
N ALA B 149 12.38 0.65 1.37
CA ALA B 149 13.79 0.98 1.21
C ALA B 149 14.74 -0.08 1.78
N SER B 150 14.21 -0.90 2.69
CA SER B 150 14.99 -1.94 3.38
C SER B 150 15.13 -3.22 2.59
N VAL B 151 14.18 -3.43 1.70
CA VAL B 151 14.09 -4.64 0.95
C VAL B 151 14.25 -4.40 -0.56
N GLU B 152 14.23 -3.14 -0.99
CA GLU B 152 14.59 -2.80 -2.36
C GLU B 152 15.48 -1.56 -2.48
N PRO B 153 16.31 -1.53 -3.52
CA PRO B 153 17.21 -0.41 -3.72
C PRO B 153 16.54 0.81 -4.30
N ILE B 154 15.56 1.37 -3.61
CA ILE B 154 14.99 2.63 -4.06
C ILE B 154 15.82 3.81 -3.60
N GLY B 155 16.60 3.58 -2.54
CA GLY B 155 17.45 4.61 -1.97
C GLY B 155 18.24 5.35 -3.02
N PHE B 156 18.82 4.62 -3.96
CA PHE B 156 19.76 5.22 -4.90
C PHE B 156 19.19 6.36 -5.74
N ASN B 157 17.87 6.41 -5.82
CA ASN B 157 17.17 7.52 -6.44
C ASN B 157 17.37 8.83 -5.72
N LEU B 158 17.77 8.74 -4.45
CA LEU B 158 17.90 9.93 -3.61
C LEU B 158 19.29 10.51 -3.69
N LEU B 159 20.26 9.70 -4.15
CA LEU B 159 21.63 10.12 -4.34
C LEU B 159 21.89 10.34 -5.81
N PRO B 160 22.99 11.04 -6.15
CA PRO B 160 23.46 11.08 -7.53
C PRO B 160 24.04 9.74 -7.97
N LYS B 161 24.47 9.66 -9.23
CA LYS B 161 24.88 8.40 -9.84
C LYS B 161 26.08 7.83 -9.13
N LEU B 162 27.02 8.71 -8.81
CA LEU B 162 28.20 8.33 -8.06
C LEU B 162 28.08 8.86 -6.66
N PHE B 163 28.62 8.11 -5.71
CA PHE B 163 28.47 8.42 -4.29
C PHE B 163 29.47 7.59 -3.49
N THR B 164 29.64 7.98 -2.23
CA THR B 164 30.60 7.32 -1.33
C THR B 164 29.86 6.47 -0.31
N LEU B 165 30.48 5.38 0.13
CA LEU B 165 29.82 4.50 1.10
C LEU B 165 29.34 5.26 2.33
N SER B 166 29.96 6.41 2.61
CA SER B 166 29.53 7.23 3.75
C SER B 166 28.27 8.02 3.45
N GLN B 167 28.17 8.55 2.22
CA GLN B 167 26.93 9.19 1.77
C GLN B 167 25.80 8.18 1.86
N LEU B 168 26.08 6.96 1.40
CA LEU B 168 25.11 5.91 1.39
C LEU B 168 24.69 5.63 2.82
N GLN B 169 25.67 5.27 3.63
CA GLN B 169 25.42 5.07 5.04
C GLN B 169 24.66 6.24 5.67
N SER B 170 25.06 7.44 5.31
CA SER B 170 24.44 8.62 5.85
C SER B 170 22.94 8.59 5.54
N LEU B 171 22.63 8.23 4.31
CA LEU B 171 21.25 8.19 3.83
C LEU B 171 20.49 7.13 4.57
N TYR B 172 21.04 5.94 4.63
CA TYR B 172 20.30 4.84 5.23
C TYR B 172 20.06 5.11 6.71
N GLU B 173 21.05 5.71 7.37
CA GLU B 173 20.89 6.23 8.72
C GLU B 173 19.76 7.22 8.81
N ALA B 174 19.64 8.10 7.83
CA ALA B 174 18.56 9.10 7.80
C ALA B 174 17.17 8.48 7.66
N ILE B 175 17.03 7.55 6.72
CA ILE B 175 15.75 6.96 6.42
C ILE B 175 15.20 6.29 7.66
N TYR B 176 16.06 5.54 8.33
CA TYR B 176 15.64 4.73 9.48
C TYR B 176 15.64 5.47 10.78
N GLY B 177 16.33 6.61 10.83
CA GLY B 177 16.33 7.44 12.03
C GLY B 177 17.18 6.86 13.15
N GLU B 178 18.33 6.32 12.81
CA GLU B 178 19.28 5.86 13.81
C GLU B 178 20.59 5.56 13.16
N PRO B 179 21.69 5.70 13.92
CA PRO B 179 22.99 5.48 13.35
C PRO B 179 23.25 4.00 13.24
N MSE B 180 24.24 3.63 12.44
CA MSE B 180 24.61 2.23 12.34
C MSE B 180 26.08 2.09 12.23
O MSE B 180 26.75 2.98 11.72
CB MSE B 180 23.94 1.56 11.16
CG MSE B 180 24.18 2.27 9.83
SE MSE B 180 22.68 1.88 8.61
CE MSE B 180 21.18 2.69 9.61
N ASP B 181 26.61 0.95 12.69
CA ASP B 181 28.03 0.68 12.64
C ASP B 181 28.52 0.66 11.22
N LYS B 182 29.63 1.35 10.98
CA LYS B 182 30.19 1.51 9.65
C LYS B 182 30.76 0.20 9.13
N ARG B 183 31.51 -0.49 9.95
CA ARG B 183 32.20 -1.71 9.53
C ARG B 183 31.23 -2.79 9.05
N ASN B 184 30.09 -2.87 9.73
CA ASN B 184 29.06 -3.82 9.39
C ASN B 184 28.35 -3.39 8.12
N PHE B 185 27.82 -2.18 8.13
CA PHE B 185 27.28 -1.57 6.92
C PHE B 185 28.13 -1.75 5.67
N ARG B 186 29.42 -1.48 5.77
CA ARG B 186 30.25 -1.58 4.57
C ARG B 186 30.43 -3.01 4.12
N LYS B 187 30.33 -3.94 5.07
CA LYS B 187 30.42 -5.38 4.79
C LYS B 187 29.24 -5.86 3.98
N ARG B 188 28.02 -5.51 4.41
CA ARG B 188 26.84 -5.82 3.63
C ARG B 188 26.98 -5.27 2.22
N VAL B 189 27.36 -4.01 2.10
CA VAL B 189 27.57 -3.41 0.78
C VAL B 189 28.64 -4.18 0.00
N ALA B 190 29.59 -4.74 0.72
CA ALA B 190 30.70 -5.45 0.10
C ALA B 190 30.14 -6.55 -0.77
N GLU B 191 29.18 -7.28 -0.22
CA GLU B 191 28.66 -8.46 -0.89
C GLU B 191 27.49 -8.20 -1.84
N MSE B 192 27.00 -6.97 -1.92
CA MSE B 192 26.01 -6.61 -2.93
C MSE B 192 26.71 -6.18 -4.19
O MSE B 192 27.04 -5.01 -4.36
CB MSE B 192 25.08 -5.53 -2.39
CG MSE B 192 24.21 -6.13 -1.30
SE MSE B 192 22.74 -4.90 -0.84
CE MSE B 192 23.74 -3.73 0.40
N ASP B 193 26.90 -7.13 -5.10
CA ASP B 193 27.71 -6.92 -6.29
C ASP B 193 27.19 -5.80 -7.19
N PHE B 194 25.88 -5.59 -7.17
CA PHE B 194 25.25 -4.50 -7.97
C PHE B 194 25.54 -3.09 -7.46
N ILE B 195 26.18 -3.00 -6.28
CA ILE B 195 26.75 -1.75 -5.82
C ILE B 195 28.23 -1.81 -6.14
N GLU B 196 28.63 -1.06 -7.16
CA GLU B 196 29.91 -1.21 -7.81
C GLU B 196 30.86 -0.07 -7.52
N LYS B 197 32.08 -0.45 -7.14
CA LYS B 197 33.15 0.52 -6.96
C LYS B 197 33.66 0.97 -8.32
N THR B 198 33.50 2.25 -8.67
CA THR B 198 34.18 2.83 -9.84
C THR B 198 35.65 3.01 -9.51
N ASP B 199 36.44 3.43 -10.50
CA ASP B 199 37.84 3.82 -10.25
C ASP B 199 37.98 5.34 -10.02
N LYS B 200 36.85 6.03 -9.91
CA LYS B 200 36.81 7.45 -9.57
C LYS B 200 37.01 7.67 -8.06
N ILE B 201 37.34 8.91 -7.70
CA ILE B 201 37.45 9.33 -6.30
C ILE B 201 36.81 10.67 -6.08
N ASP B 202 36.14 10.84 -4.94
CA ASP B 202 35.64 12.13 -4.51
C ASP B 202 36.70 12.73 -3.63
N LYS B 203 37.11 13.96 -3.97
CA LYS B 203 38.13 14.69 -3.25
C LYS B 203 37.53 15.77 -2.35
N LEU B 204 36.35 16.23 -2.69
CA LEU B 204 35.75 17.38 -2.02
C LEU B 204 34.98 17.03 -0.75
N GLY B 205 34.81 15.75 -0.46
CA GLY B 205 34.07 15.32 0.71
C GLY B 205 34.96 14.96 1.88
N SER B 206 36.21 14.62 1.58
CA SER B 206 37.14 14.12 2.59
C SER B 206 38.55 14.55 2.22
N LYS B 207 39.44 14.51 3.20
CA LYS B 207 40.84 14.82 2.95
C LYS B 207 41.52 13.68 2.19
N ARG B 208 41.43 12.46 2.74
CA ARG B 208 41.94 11.26 2.04
C ARG B 208 41.21 11.05 0.71
N GLY B 209 39.91 11.33 0.70
CA GLY B 209 39.07 11.19 -0.50
C GLY B 209 38.63 9.75 -0.67
N ALA B 210 37.32 9.57 -0.83
CA ALA B 210 36.73 8.22 -0.80
C ALA B 210 36.39 7.76 -2.21
N ALA B 211 36.45 6.45 -2.42
CA ALA B 211 36.07 5.87 -3.71
C ALA B 211 34.57 6.03 -3.96
N LEU B 212 34.23 6.43 -5.17
CA LEU B 212 32.84 6.55 -5.55
C LEU B 212 32.29 5.21 -6.01
N TYR B 213 31.02 4.96 -5.71
CA TYR B 213 30.33 3.76 -6.15
C TYR B 213 29.14 4.17 -6.99
N LYS B 214 28.67 3.21 -7.80
CA LYS B 214 27.46 3.38 -8.60
C LYS B 214 26.53 2.22 -8.31
N PHE B 215 25.25 2.44 -8.58
CA PHE B 215 24.26 1.36 -8.55
C PHE B 215 24.17 0.77 -9.94
N ASN B 216 24.15 -0.55 -10.05
CA ASN B 216 24.07 -1.18 -11.36
C ASN B 216 22.74 -1.89 -11.57
N GLY B 217 21.83 -1.20 -12.25
CA GLY B 217 20.49 -1.75 -12.51
C GLY B 217 20.56 -3.16 -13.07
N LYS B 218 21.34 -3.31 -14.14
CA LYS B 218 21.51 -4.59 -14.82
C LYS B 218 21.85 -5.68 -13.82
N ALA B 219 23.00 -5.54 -13.18
CA ALA B 219 23.45 -6.51 -12.20
C ALA B 219 22.38 -6.79 -11.11
N TYR B 220 21.61 -5.79 -10.70
CA TYR B 220 20.61 -6.00 -9.65
C TYR B 220 19.63 -7.03 -10.13
N ARG B 221 19.08 -6.77 -11.32
CA ARG B 221 18.02 -7.63 -11.87
C ARG B 221 18.50 -9.07 -12.08
N LYS B 222 19.77 -9.25 -12.44
CA LYS B 222 20.38 -10.57 -12.51
C LYS B 222 20.33 -11.33 -11.18
N ASP B 223 20.25 -10.63 -10.05
CA ASP B 223 20.19 -11.27 -8.75
C ASP B 223 19.67 -10.30 -7.69
N PRO B 224 18.34 -10.07 -7.67
CA PRO B 224 17.72 -9.09 -6.80
C PRO B 224 17.69 -9.40 -5.30
N LYS B 225 18.85 -9.65 -4.68
CA LYS B 225 18.93 -9.71 -3.22
C LYS B 225 19.30 -8.31 -2.68
N PHE B 226 18.60 -7.85 -1.63
CA PHE B 226 18.87 -6.54 -1.05
C PHE B 226 18.57 -6.42 0.43
N LYS B 227 19.57 -6.01 1.20
CA LYS B 227 19.41 -5.86 2.63
C LYS B 227 20.31 -4.78 3.21
N LEU B 228 19.71 -3.82 3.89
CA LEU B 228 20.45 -2.82 4.66
C LEU B 228 19.77 -2.54 6.00
C1 MLA E . -15.37 -2.66 -10.87
O1A MLA E . -16.12 -3.30 -10.11
O1B MLA E . -14.44 -3.15 -11.56
C2 MLA E . -15.62 -1.19 -10.99
C3 MLA E . -15.63 -0.95 -12.47
O3A MLA E . -16.72 -1.06 -13.09
O3B MLA E . -14.53 -0.70 -12.98
C FMT F . -1.56 0.01 -8.85
O1 FMT F . -1.29 0.93 -9.62
O2 FMT F . -1.74 0.27 -7.56
C FMT G . -6.10 5.54 4.24
O1 FMT G . -7.29 5.25 4.36
O2 FMT G . -5.33 4.83 3.41
C1 MLA H . -5.44 17.82 -2.22
O1A MLA H . -4.79 17.84 -1.16
O1B MLA H . -4.92 17.95 -3.34
C2 MLA H . -6.92 17.61 -2.11
C3 MLA H . -7.66 18.81 -2.60
O3A MLA H . -7.09 19.91 -2.65
O3B MLA H . -8.85 18.65 -2.92
#